data_5A0E
#
_entry.id   5A0E
#
_cell.length_a   38.120
_cell.length_b   69.510
_cell.length_c   109.170
_cell.angle_alpha   90.00
_cell.angle_beta   90.00
_cell.angle_gamma   90.00
#
_symmetry.space_group_name_H-M   'P 21 21 21'
#
loop_
_entity.id
_entity.type
_entity.pdbx_description
1 polymer 'PEPTIDYL-PROLYL CIS-TRANS ISOMERASE F, MITOCHONDRIAL'
2 polymer JW47
3 water water
#
loop_
_entity_poly.entity_id
_entity_poly.type
_entity_poly.pdbx_seq_one_letter_code
_entity_poly.pdbx_strand_id
1 'polypeptide(L)'
;SGNPLVYLDVDANGKPLGRVVLELKADVVPKTAENFRALCTGEKGFGYKGSTFHRVIPSFMCQAGDFTNHNGTGGKSIYG
SRFPDENFTLKHVGPGVLSMANAGPNTNGSQFFICTIKTDWLDGKHVVFGHVIEGMDVVKKIESFGSKSGRTSKKIVITD
CGQLS
;
A,B
2 'polypeptide(L)' (DAL)(MLE)(MLE)(MVA)(AUX)(ABA)(SAR)(MLE)V(MLE)A C,E
#
# COMPACT_ATOMS: atom_id res chain seq x y z
N SER A 1 30.39 -5.77 -12.03
CA SER A 1 28.95 -5.51 -12.03
C SER A 1 28.49 -5.78 -10.58
N GLY A 2 27.28 -5.45 -10.33
CA GLY A 2 26.76 -5.60 -9.05
C GLY A 2 25.72 -4.59 -8.76
N ASN A 3 24.78 -4.96 -7.89
CA ASN A 3 23.73 -4.12 -7.41
C ASN A 3 24.06 -3.74 -5.95
N PRO A 4 24.44 -2.50 -5.72
CA PRO A 4 24.82 -2.09 -4.40
C PRO A 4 23.73 -2.29 -3.36
N LEU A 5 24.17 -2.55 -2.11
CA LEU A 5 23.30 -2.34 -0.96
C LEU A 5 23.75 -1.11 -0.25
N VAL A 6 22.80 -0.30 0.15
CA VAL A 6 23.05 0.86 0.99
C VAL A 6 22.21 0.82 2.23
N TYR A 7 22.55 1.61 3.23
CA TYR A 7 21.78 1.66 4.43
C TYR A 7 21.47 3.09 4.83
N LEU A 8 20.37 3.25 5.51
CA LEU A 8 19.98 4.49 6.15
C LEU A 8 19.71 4.19 7.59
N ASP A 9 20.46 4.79 8.49
CA ASP A 9 20.19 4.66 9.93
C ASP A 9 19.38 5.90 10.35
N VAL A 10 18.19 5.63 10.84
CA VAL A 10 17.20 6.71 11.04
C VAL A 10 16.99 6.90 12.52
N ASP A 11 17.01 8.14 13.00
CA ASP A 11 16.78 8.47 14.39
C ASP A 11 15.86 9.67 14.48
N ALA A 12 15.34 9.91 15.67
CA ALA A 12 14.61 11.11 15.96
C ALA A 12 14.90 11.48 17.42
N ASN A 13 15.24 12.76 17.66
CA ASN A 13 15.58 13.17 19.00
C ASN A 13 16.71 12.32 19.59
N GLY A 14 17.64 11.88 18.75
CA GLY A 14 18.80 11.09 19.18
C GLY A 14 18.42 9.70 19.60
N LYS A 15 17.18 9.28 19.34
CA LYS A 15 16.65 7.90 19.71
C LYS A 15 16.51 7.12 18.37
N PRO A 16 17.09 5.96 18.26
CA PRO A 16 17.06 5.20 17.00
C PRO A 16 15.70 4.69 16.63
N LEU A 17 15.31 4.80 15.34
CA LEU A 17 14.16 4.04 14.73
C LEU A 17 14.66 2.72 14.18
N GLY A 18 15.84 2.70 13.58
CA GLY A 18 16.43 1.50 13.05
C GLY A 18 17.10 1.78 11.71
N ARG A 19 17.45 0.68 11.05
CA ARG A 19 18.16 0.68 9.80
C ARG A 19 17.26 0.21 8.68
N VAL A 20 17.30 0.95 7.57
CA VAL A 20 16.70 0.53 6.31
C VAL A 20 17.75 0.13 5.29
N VAL A 21 17.66 -1.07 4.76
CA VAL A 21 18.64 -1.58 3.81
C VAL A 21 18.03 -1.66 2.43
N LEU A 22 18.65 -1.03 1.45
CA LEU A 22 18.09 -0.88 0.10
C LEU A 22 19.03 -1.50 -0.88
N GLU A 23 18.50 -2.27 -1.84
CA GLU A 23 19.22 -2.69 -3.03
C GLU A 23 19.04 -1.64 -4.09
N LEU A 24 20.13 -1.25 -4.76
CA LEU A 24 20.13 -0.35 -5.91
C LEU A 24 20.32 -1.16 -7.18
N LYS A 25 19.39 -1.05 -8.10
CA LYS A 25 19.40 -1.86 -9.36
C LYS A 25 20.27 -1.25 -10.42
N ALA A 26 21.56 -1.31 -10.16
CA ALA A 26 22.56 -0.80 -11.08
C ALA A 26 22.62 -1.61 -12.38
N ASP A 27 22.08 -2.84 -12.35
CA ASP A 27 21.93 -3.64 -13.55
C ASP A 27 21.01 -3.02 -14.59
N VAL A 28 20.10 -2.19 -14.18
CA VAL A 28 19.13 -1.55 -15.03
C VAL A 28 19.27 -0.03 -15.17
N VAL A 29 19.55 0.60 -14.04
CA VAL A 29 19.66 2.07 -13.97
C VAL A 29 20.95 2.41 -13.24
N PRO A 30 22.10 2.12 -13.84
CA PRO A 30 23.37 2.38 -13.14
C PRO A 30 23.64 3.83 -12.83
N LYS A 31 23.21 4.77 -13.67
CA LYS A 31 23.49 6.17 -13.38
C LYS A 31 22.73 6.64 -12.14
N THR A 32 21.45 6.27 -12.09
CA THR A 32 20.58 6.64 -10.99
C THR A 32 21.02 5.95 -9.73
N ALA A 33 21.37 4.64 -9.84
CA ALA A 33 21.91 3.92 -8.68
C ALA A 33 23.19 4.59 -8.17
N GLU A 34 24.08 4.99 -9.08
CA GLU A 34 25.35 5.58 -8.65
C GLU A 34 25.17 6.87 -7.90
N ASN A 35 24.25 7.73 -8.39
CA ASN A 35 23.92 8.97 -7.66
C ASN A 35 23.55 8.66 -6.22
N PHE A 36 22.60 7.72 -6.05
CA PHE A 36 22.11 7.43 -4.71
C PHE A 36 23.24 6.81 -3.82
N ARG A 37 23.97 5.90 -4.44
CA ARG A 37 25.09 5.26 -3.74
C ARG A 37 26.05 6.30 -3.19
N ALA A 38 26.47 7.21 -4.09
CA ALA A 38 27.43 8.23 -3.68
C ALA A 38 26.86 9.21 -2.66
N LEU A 39 25.58 9.53 -2.77
CA LEU A 39 24.96 10.38 -1.77
C LEU A 39 24.89 9.73 -0.42
N CYS A 40 24.82 8.38 -0.41
CA CYS A 40 24.89 7.63 0.86
C CYS A 40 26.30 7.60 1.43
N THR A 41 27.31 7.40 0.60
CA THR A 41 28.67 7.33 1.14
C THR A 41 29.17 8.71 1.52
N GLY A 42 28.62 9.77 0.90
CA GLY A 42 29.11 11.07 1.12
C GLY A 42 30.41 11.37 0.42
N GLU A 43 30.78 10.55 -0.54
CA GLU A 43 32.10 10.66 -1.19
C GLU A 43 32.29 11.88 -2.00
N LYS A 44 31.25 12.58 -2.40
CA LYS A 44 31.43 13.86 -3.05
C LYS A 44 31.39 15.07 -2.11
N GLY A 45 31.24 14.87 -0.83
CA GLY A 45 31.20 15.99 0.12
C GLY A 45 29.88 16.56 0.42
N PHE A 46 28.83 15.93 -0.10
CA PHE A 46 27.47 16.22 0.24
C PHE A 46 26.68 14.93 0.12
N GLY A 47 25.52 14.91 0.73
CA GLY A 47 24.73 13.70 0.66
C GLY A 47 23.75 13.64 1.81
N TYR A 48 23.18 12.46 1.99
CA TYR A 48 22.00 12.32 2.81
C TYR A 48 22.22 12.44 4.32
N LYS A 49 23.43 12.27 4.81
CA LYS A 49 23.67 12.29 6.21
C LYS A 49 23.26 13.61 6.82
N GLY A 50 22.39 13.55 7.83
CA GLY A 50 21.85 14.74 8.48
C GLY A 50 20.56 15.26 7.93
N SER A 51 20.15 14.71 6.82
CA SER A 51 18.90 15.16 6.19
C SER A 51 17.73 14.30 6.70
N THR A 52 16.50 14.71 6.36
CA THR A 52 15.32 14.15 6.97
C THR A 52 14.38 13.50 6.02
N PHE A 53 13.51 12.62 6.57
CA PHE A 53 12.28 12.22 5.89
C PHE A 53 11.29 13.33 6.13
N HIS A 54 11.14 14.27 5.16
CA HIS A 54 10.39 15.49 5.34
C HIS A 54 8.92 15.38 4.99
N ARG A 55 8.55 14.36 4.19
CA ARG A 55 7.17 14.26 3.71
C ARG A 55 6.81 12.81 3.80
N VAL A 56 5.88 12.50 4.74
CA VAL A 56 5.56 11.13 5.08
C VAL A 56 4.06 10.98 5.09
N ILE A 57 3.53 10.22 4.14
CA ILE A 57 2.08 10.08 3.96
C ILE A 57 1.69 8.65 4.21
N PRO A 58 1.01 8.37 5.33
CA PRO A 58 0.66 7.05 5.63
C PRO A 58 -0.20 6.45 4.48
N SER A 59 -0.02 5.16 4.26
CA SER A 59 -0.75 4.50 3.15
C SER A 59 -0.24 4.87 1.82
N PHE A 60 0.93 5.54 1.75
CA PHE A 60 1.45 5.93 0.43
C PHE A 60 2.98 5.70 0.45
N MET A 61 3.74 6.65 0.99
CA MET A 61 5.20 6.63 0.85
C MET A 61 5.84 7.51 1.87
N CYS A 62 7.16 7.34 2.03
CA CYS A 62 8.02 8.18 2.85
C CYS A 62 9.05 8.84 1.92
N GLN A 63 9.13 10.17 1.95
CA GLN A 63 10.01 10.92 1.05
C GLN A 63 11.10 11.64 1.83
N ALA A 64 12.28 11.66 1.24
CA ALA A 64 13.49 12.15 1.92
C ALA A 64 14.47 12.74 0.90
N GLY A 65 15.56 13.26 1.40
CA GLY A 65 16.73 13.50 0.60
C GLY A 65 17.00 14.97 0.24
N ASP A 66 16.30 15.92 0.87
CA ASP A 66 16.59 17.32 0.63
C ASP A 66 17.59 17.81 1.66
N PHE A 67 18.85 17.63 1.29
CA PHE A 67 19.96 18.04 2.15
C PHE A 67 20.44 19.47 1.82
N THR A 68 19.75 20.24 0.96
CA THR A 68 20.12 21.64 0.69
C THR A 68 19.16 22.61 1.36
N ASN A 69 17.82 22.40 1.24
CA ASN A 69 16.75 23.27 1.85
C ASN A 69 16.04 22.64 3.00
N HIS A 70 16.19 21.31 3.17
CA HIS A 70 15.61 20.64 4.35
C HIS A 70 14.05 20.63 4.45
N ASN A 71 13.36 20.85 3.26
CA ASN A 71 11.85 20.83 3.19
C ASN A 71 11.17 20.30 1.96
N GLY A 72 11.84 19.78 1.03
CA GLY A 72 11.24 19.31 -0.22
C GLY A 72 11.53 20.10 -1.29
N THR A 73 12.11 21.28 -1.04
CA THR A 73 12.28 22.12 -2.17
C THR A 73 13.58 21.95 -2.80
N GLY A 74 14.53 21.29 -2.17
CA GLY A 74 15.88 21.26 -2.71
C GLY A 74 16.42 19.93 -3.05
N GLY A 75 17.76 19.88 -2.87
CA GLY A 75 18.60 18.70 -3.22
C GLY A 75 19.41 19.02 -4.49
N LYS A 76 20.33 18.14 -4.78
CA LYS A 76 21.22 18.22 -5.95
C LYS A 76 21.80 16.84 -6.17
N SER A 77 22.22 16.55 -7.38
CA SER A 77 22.82 15.25 -7.70
C SER A 77 24.33 15.36 -7.87
N ILE A 78 24.95 14.19 -7.97
CA ILE A 78 26.38 14.14 -8.22
C ILE A 78 26.73 14.51 -9.68
N TYR A 79 25.73 14.75 -10.51
CA TYR A 79 25.91 15.12 -11.88
C TYR A 79 25.62 16.58 -12.15
N GLY A 80 25.18 17.30 -11.16
CA GLY A 80 24.67 18.67 -11.36
C GLY A 80 23.36 18.84 -10.62
N SER A 81 22.77 20.00 -10.87
CA SER A 81 21.49 20.35 -10.28
C SER A 81 20.42 19.30 -10.51
N ARG A 82 20.41 18.75 -11.71
CA ARG A 82 19.45 17.74 -12.08
C ARG A 82 20.05 16.85 -13.16
N PHE A 83 19.44 15.68 -13.36
CA PHE A 83 19.83 14.80 -14.45
C PHE A 83 18.62 14.14 -15.06
N PRO A 84 18.75 13.71 -16.31
CA PRO A 84 17.57 13.15 -17.00
C PRO A 84 17.08 11.85 -16.42
N ASP A 85 15.82 11.52 -16.76
CA ASP A 85 15.26 10.23 -16.42
C ASP A 85 15.99 9.14 -17.21
N GLU A 86 16.64 8.25 -16.50
CA GLU A 86 17.55 7.32 -17.16
C GLU A 86 16.82 6.33 -18.04
N ASN A 87 15.78 5.68 -17.47
CA ASN A 87 14.78 4.86 -18.15
C ASN A 87 13.68 4.63 -17.18
N PHE A 88 12.60 4.04 -17.71
CA PHE A 88 11.44 3.67 -16.91
C PHE A 88 11.19 2.20 -16.90
N THR A 89 12.26 1.37 -16.99
CA THR A 89 12.11 -0.05 -17.10
C THR A 89 11.48 -0.65 -15.83
N LEU A 90 11.99 -0.27 -14.68
CA LEU A 90 11.44 -0.78 -13.43
C LEU A 90 10.18 -0.04 -13.05
N LYS A 91 9.20 -0.76 -12.54
CA LYS A 91 7.93 -0.25 -12.18
C LYS A 91 7.71 -0.19 -10.68
N HIS A 92 6.68 0.59 -10.32
CA HIS A 92 6.35 0.76 -8.88
C HIS A 92 5.49 -0.39 -8.41
N VAL A 93 6.11 -1.54 -8.24
CA VAL A 93 5.41 -2.80 -8.17
C VAL A 93 4.82 -3.08 -6.79
N GLY A 94 5.18 -2.38 -5.73
CA GLY A 94 4.66 -2.68 -4.42
C GLY A 94 5.37 -1.99 -3.32
N PRO A 95 5.05 -2.36 -2.08
CA PRO A 95 5.73 -1.81 -0.96
C PRO A 95 7.21 -2.02 -1.02
N GLY A 96 8.00 -1.05 -0.55
CA GLY A 96 9.44 -1.14 -0.47
C GLY A 96 10.13 -0.62 -1.72
N VAL A 97 9.43 -0.30 -2.80
CA VAL A 97 10.06 0.25 -3.97
C VAL A 97 10.72 1.57 -3.61
N LEU A 98 11.91 1.76 -4.18
CA LEU A 98 12.73 2.99 -4.05
C LEU A 98 12.73 3.67 -5.39
N SER A 99 12.31 4.98 -5.41
CA SER A 99 12.09 5.68 -6.62
C SER A 99 12.49 7.16 -6.43
N MET A 100 12.76 7.82 -7.56
CA MET A 100 13.17 9.23 -7.51
C MET A 100 11.95 10.15 -7.46
N ALA A 101 11.99 11.10 -6.50
CA ALA A 101 11.12 12.23 -6.59
C ALA A 101 11.57 13.13 -7.68
N ASN A 102 10.72 14.00 -8.22
CA ASN A 102 11.19 14.93 -9.24
C ASN A 102 10.27 16.13 -9.29
N ALA A 103 10.56 17.06 -10.19
CA ALA A 103 9.70 18.23 -10.45
C ALA A 103 9.33 18.16 -11.93
N GLY A 104 8.93 16.99 -12.43
CA GLY A 104 8.59 16.81 -13.82
C GLY A 104 9.73 16.15 -14.58
N PRO A 105 9.61 16.07 -15.90
CA PRO A 105 10.58 15.33 -16.71
C PRO A 105 12.00 15.81 -16.52
N ASN A 106 12.93 14.86 -16.40
CA ASN A 106 14.37 15.19 -16.42
C ASN A 106 14.82 16.13 -15.30
N THR A 107 14.27 15.90 -14.10
CA THR A 107 14.60 16.76 -12.99
C THR A 107 14.99 15.97 -11.74
N ASN A 108 15.67 14.87 -11.95
CA ASN A 108 16.18 14.06 -10.83
C ASN A 108 17.30 14.80 -10.16
N GLY A 109 17.26 14.84 -8.82
CA GLY A 109 18.28 15.51 -8.01
C GLY A 109 18.78 14.52 -6.96
N SER A 110 18.33 14.76 -5.71
CA SER A 110 18.63 13.86 -4.65
C SER A 110 17.40 13.31 -3.96
N GLN A 111 16.24 13.93 -4.06
CA GLN A 111 15.12 13.45 -3.31
C GLN A 111 14.56 12.13 -3.85
N PHE A 112 14.08 11.31 -2.95
CA PHE A 112 13.63 9.96 -3.24
C PHE A 112 12.49 9.60 -2.34
N PHE A 113 11.84 8.46 -2.67
CA PHE A 113 10.80 7.96 -1.82
C PHE A 113 10.86 6.44 -1.72
N ILE A 114 10.36 5.96 -0.59
CA ILE A 114 10.18 4.53 -0.28
C ILE A 114 8.67 4.30 -0.20
N CYS A 115 8.17 3.45 -1.08
CA CYS A 115 6.74 3.17 -1.15
C CYS A 115 6.32 2.28 0.01
N THR A 116 5.08 2.50 0.53
CA THR A 116 4.45 1.56 1.42
C THR A 116 3.30 0.82 0.81
N ILE A 117 2.91 1.21 -0.40
CA ILE A 117 1.95 0.49 -1.27
C ILE A 117 2.51 0.44 -2.67
N LYS A 118 1.87 -0.32 -3.50
CA LYS A 118 2.07 -0.17 -4.93
C LYS A 118 1.67 1.18 -5.50
N THR A 119 2.53 1.81 -6.25
CA THR A 119 2.24 3.16 -6.70
C THR A 119 2.33 3.33 -8.23
N ASP A 120 1.64 2.43 -8.95
CA ASP A 120 1.86 2.29 -10.41
C ASP A 120 1.40 3.45 -11.27
N TRP A 121 0.64 4.38 -10.67
CA TRP A 121 0.35 5.59 -11.39
C TRP A 121 1.59 6.47 -11.60
N LEU A 122 2.68 6.17 -10.89
CA LEU A 122 3.96 6.88 -11.08
C LEU A 122 4.85 6.27 -12.14
N ASP A 123 4.47 5.11 -12.67
CA ASP A 123 5.22 4.42 -13.70
C ASP A 123 5.35 5.31 -14.88
N GLY A 124 6.55 5.40 -15.44
CA GLY A 124 6.80 6.23 -16.58
C GLY A 124 7.04 7.72 -16.33
N LYS A 125 6.90 8.12 -15.05
CA LYS A 125 7.15 9.49 -14.61
C LYS A 125 8.25 9.60 -13.58
N HIS A 126 8.40 8.57 -12.73
CA HIS A 126 9.42 8.54 -11.68
C HIS A 126 10.31 7.32 -11.98
N VAL A 127 11.63 7.52 -11.91
CA VAL A 127 12.56 6.43 -12.16
C VAL A 127 12.67 5.59 -10.88
N VAL A 128 12.24 4.34 -11.01
CA VAL A 128 12.48 3.32 -10.01
C VAL A 128 13.90 2.79 -10.14
N PHE A 129 14.55 2.67 -8.99
CA PHE A 129 15.96 2.24 -9.00
C PHE A 129 16.37 1.29 -7.91
N GLY A 130 15.42 0.76 -7.15
CA GLY A 130 15.78 -0.23 -6.14
C GLY A 130 14.63 -0.58 -5.27
N HIS A 131 14.91 -1.24 -4.14
CA HIS A 131 13.86 -1.57 -3.20
C HIS A 131 14.46 -1.92 -1.86
N VAL A 132 13.66 -1.85 -0.83
CA VAL A 132 14.04 -2.27 0.51
C VAL A 132 14.18 -3.79 0.57
N ILE A 133 15.27 -4.30 1.12
CA ILE A 133 15.44 -5.72 1.37
C ILE A 133 15.41 -6.07 2.83
N GLU A 134 15.57 -5.11 3.74
CA GLU A 134 15.46 -5.33 5.20
C GLU A 134 15.10 -4.01 5.80
N GLY A 135 14.27 -4.03 6.82
CA GLY A 135 13.89 -2.80 7.50
C GLY A 135 12.59 -2.20 7.08
N MET A 136 11.70 -2.96 6.44
CA MET A 136 10.39 -2.45 6.22
C MET A 136 9.66 -2.12 7.52
N ASP A 137 9.98 -2.78 8.57
CA ASP A 137 9.42 -2.39 9.87
C ASP A 137 9.85 -0.98 10.33
N VAL A 138 11.05 -0.60 9.97
CA VAL A 138 11.56 0.77 10.20
C VAL A 138 10.77 1.80 9.43
N VAL A 139 10.57 1.45 8.14
CA VAL A 139 9.76 2.28 7.28
C VAL A 139 8.38 2.48 7.93
N LYS A 140 7.78 1.41 8.45
CA LYS A 140 6.48 1.55 9.14
C LYS A 140 6.57 2.41 10.39
N LYS A 141 7.65 2.38 11.13
CA LYS A 141 7.84 3.33 12.21
C LYS A 141 7.87 4.76 11.67
N ILE A 142 8.61 5.03 10.59
CA ILE A 142 8.58 6.37 10.01
C ILE A 142 7.18 6.81 9.69
N GLU A 143 6.46 5.94 9.05
CA GLU A 143 5.12 6.24 8.63
C GLU A 143 4.21 6.64 9.82
N SER A 144 4.47 6.11 11.00
CA SER A 144 3.65 6.40 12.15
C SER A 144 3.74 7.84 12.63
N PHE A 145 4.74 8.57 12.13
CA PHE A 145 4.95 9.96 12.50
C PHE A 145 4.57 10.94 11.39
N GLY A 146 3.91 10.40 10.34
CA GLY A 146 3.43 11.23 9.24
C GLY A 146 1.98 11.61 9.34
N SER A 147 1.41 12.09 8.25
CA SER A 147 0.04 12.66 8.27
C SER A 147 -0.46 12.76 6.87
N LYS A 148 -1.76 13.03 6.67
CA LYS A 148 -2.31 13.18 5.28
C LYS A 148 -1.63 14.28 4.49
N SER A 149 -1.23 15.37 5.17
CA SER A 149 -0.57 16.45 4.46
C SER A 149 0.85 16.11 4.09
N GLY A 150 1.41 15.11 4.78
CA GLY A 150 2.78 14.72 4.70
C GLY A 150 3.68 15.31 5.78
N ARG A 151 3.18 16.29 6.53
CA ARG A 151 3.97 16.84 7.60
C ARG A 151 4.29 15.79 8.64
N THR A 152 5.51 15.75 9.12
CA THR A 152 5.90 14.86 10.16
C THR A 152 5.77 15.52 11.52
N SER A 153 5.69 14.72 12.56
CA SER A 153 5.56 15.23 13.93
C SER A 153 6.84 15.59 14.62
N LYS A 154 7.92 15.16 14.07
CA LYS A 154 9.24 15.35 14.61
C LYS A 154 10.24 15.18 13.52
N LYS A 155 11.44 15.64 13.72
CA LYS A 155 12.49 15.57 12.72
C LYS A 155 13.00 14.11 12.69
N ILE A 156 12.78 13.45 11.55
CA ILE A 156 13.18 12.06 11.34
C ILE A 156 14.41 12.10 10.51
N VAL A 157 15.54 11.88 11.14
CA VAL A 157 16.87 12.18 10.59
C VAL A 157 17.59 10.93 10.10
N ILE A 158 18.20 11.00 8.92
CA ILE A 158 19.14 10.00 8.48
C ILE A 158 20.45 10.33 9.15
N THR A 159 20.68 9.78 10.36
CA THR A 159 21.82 10.12 11.17
CA THR A 159 21.78 10.10 11.16
C THR A 159 23.10 9.56 10.60
N ASP A 160 22.99 8.42 9.94
CA ASP A 160 24.15 7.88 9.25
C ASP A 160 23.64 7.14 8.04
N CYS A 161 24.47 6.95 7.06
CA CYS A 161 24.13 6.20 5.87
C CYS A 161 25.44 5.84 5.17
N GLY A 162 25.33 4.88 4.23
CA GLY A 162 26.53 4.38 3.61
C GLY A 162 26.21 3.18 2.78
N GLN A 163 27.25 2.49 2.35
CA GLN A 163 27.14 1.35 1.49
C GLN A 163 27.54 0.09 2.32
N LEU A 164 26.70 -0.95 2.17
CA LEU A 164 26.95 -2.23 2.85
C LEU A 164 27.68 -3.16 1.92
N SER A 165 27.46 -3.13 0.60
CA SER A 165 27.99 -4.09 -0.36
C SER A 165 27.76 -3.58 -1.78
N GLY B 2 0.32 -6.43 -13.62
CA GLY B 2 -0.78 -5.52 -14.11
C GLY B 2 -1.83 -5.26 -13.03
N ASN B 3 -1.73 -5.83 -11.81
CA ASN B 3 -2.87 -5.91 -10.93
C ASN B 3 -3.34 -4.57 -10.36
N PRO B 4 -4.66 -4.36 -10.33
CA PRO B 4 -5.16 -3.07 -9.83
C PRO B 4 -5.12 -3.00 -8.33
N LEU B 5 -5.09 -1.77 -7.79
CA LEU B 5 -5.15 -1.52 -6.40
C LEU B 5 -6.40 -0.71 -6.20
N VAL B 6 -7.08 -0.93 -5.10
CA VAL B 6 -8.23 -0.23 -4.64
C VAL B 6 -8.07 0.16 -3.20
N TYR B 7 -8.89 1.08 -2.73
CA TYR B 7 -8.89 1.52 -1.34
C TYR B 7 -10.26 1.60 -0.74
N LEU B 8 -10.33 1.38 0.58
CA LEU B 8 -11.49 1.63 1.38
C LEU B 8 -11.09 2.55 2.53
N ASP B 9 -11.76 3.71 2.58
CA ASP B 9 -11.63 4.61 3.77
C ASP B 9 -12.77 4.33 4.69
N VAL B 10 -12.46 3.96 5.92
CA VAL B 10 -13.46 3.42 6.80
C VAL B 10 -13.61 4.27 8.05
N ASP B 11 -14.86 4.53 8.47
CA ASP B 11 -15.17 5.29 9.70
C ASP B 11 -15.92 4.38 10.64
N ALA B 12 -15.89 4.70 11.92
CA ALA B 12 -16.73 4.13 12.93
C ALA B 12 -17.52 5.21 13.58
N ASN B 13 -18.84 5.20 13.44
CA ASN B 13 -19.66 6.30 13.99
C ASN B 13 -19.05 7.72 13.71
N GLY B 14 -18.68 7.88 12.45
CA GLY B 14 -18.17 9.15 11.94
C GLY B 14 -16.75 9.50 12.24
N LYS B 15 -16.00 8.60 12.88
CA LYS B 15 -14.63 8.83 13.28
C LYS B 15 -13.74 8.00 12.33
N PRO B 16 -12.80 8.64 11.57
CA PRO B 16 -11.95 7.86 10.63
C PRO B 16 -11.11 6.87 11.32
N LEU B 17 -11.10 5.67 10.76
CA LEU B 17 -10.20 4.62 11.21
C LEU B 17 -8.94 4.59 10.37
N GLY B 18 -9.03 5.07 9.14
CA GLY B 18 -7.94 4.97 8.22
C GLY B 18 -8.31 4.31 6.89
N ARG B 19 -7.28 3.99 6.10
CA ARG B 19 -7.45 3.46 4.74
C ARG B 19 -6.94 2.04 4.71
N VAL B 20 -7.72 1.17 4.07
CA VAL B 20 -7.28 -0.19 3.71
C VAL B 20 -6.98 -0.19 2.20
N VAL B 21 -5.72 -0.57 1.84
CA VAL B 21 -5.31 -0.64 0.44
C VAL B 21 -5.17 -2.11 0.04
N LEU B 22 -5.91 -2.48 -1.02
CA LEU B 22 -6.05 -3.87 -1.44
C LEU B 22 -5.55 -4.02 -2.86
N GLU B 23 -4.70 -5.04 -3.07
CA GLU B 23 -4.32 -5.43 -4.42
C GLU B 23 -5.27 -6.53 -4.88
N LEU B 24 -5.79 -6.38 -6.10
CA LEU B 24 -6.69 -7.36 -6.68
C LEU B 24 -5.90 -8.21 -7.65
N LYS B 25 -5.99 -9.53 -7.51
CA LYS B 25 -5.20 -10.47 -8.29
C LYS B 25 -5.84 -10.80 -9.63
N ALA B 26 -5.96 -9.74 -10.44
CA ALA B 26 -6.57 -9.85 -11.75
C ALA B 26 -5.78 -10.75 -12.73
N ASP B 27 -4.52 -11.04 -12.38
N ASP B 27 -4.50 -10.99 -12.40
CA ASP B 27 -3.78 -11.98 -13.19
CA ASP B 27 -3.67 -11.98 -13.09
C ASP B 27 -4.07 -13.44 -12.84
C ASP B 27 -4.18 -13.42 -12.93
N VAL B 28 -4.99 -13.68 -11.89
CA VAL B 28 -5.49 -15.00 -11.59
C VAL B 28 -7.00 -15.11 -11.77
N VAL B 29 -7.72 -14.08 -11.24
CA VAL B 29 -9.20 -14.03 -11.26
C VAL B 29 -9.63 -12.66 -11.81
N PRO B 30 -9.39 -12.47 -13.14
CA PRO B 30 -9.69 -11.16 -13.71
C PRO B 30 -11.18 -10.82 -13.58
N LYS B 31 -12.12 -11.74 -13.78
CA LYS B 31 -13.52 -11.33 -13.73
C LYS B 31 -13.94 -10.92 -12.35
N THR B 32 -13.46 -11.66 -11.36
CA THR B 32 -13.77 -11.38 -9.94
C THR B 32 -13.12 -10.06 -9.53
N ALA B 33 -11.86 -9.86 -9.89
CA ALA B 33 -11.20 -8.61 -9.61
C ALA B 33 -11.94 -7.44 -10.24
N GLU B 34 -12.41 -7.60 -11.49
CA GLU B 34 -13.07 -6.51 -12.20
C GLU B 34 -14.34 -6.10 -11.48
N ASN B 35 -15.12 -7.09 -11.04
CA ASN B 35 -16.32 -6.78 -10.27
C ASN B 35 -15.98 -5.92 -9.08
N PHE B 36 -15.01 -6.34 -8.28
CA PHE B 36 -14.70 -5.58 -7.06
C PHE B 36 -14.18 -4.16 -7.38
N ARG B 37 -13.35 -4.11 -8.41
CA ARG B 37 -12.78 -2.80 -8.81
C ARG B 37 -13.90 -1.84 -9.18
N ALA B 38 -14.82 -2.33 -10.04
CA ALA B 38 -15.94 -1.50 -10.47
C ALA B 38 -16.87 -1.12 -9.36
N LEU B 39 -17.05 -1.98 -8.38
CA LEU B 39 -17.90 -1.65 -7.26
C LEU B 39 -17.23 -0.61 -6.35
N CYS B 40 -15.88 -0.58 -6.33
CA CYS B 40 -15.15 0.46 -5.64
C CYS B 40 -15.24 1.81 -6.36
N THR B 41 -15.18 1.79 -7.71
CA THR B 41 -15.25 3.08 -8.42
C THR B 41 -16.67 3.59 -8.56
N GLY B 42 -17.69 2.71 -8.45
CA GLY B 42 -19.02 3.10 -8.72
C GLY B 42 -19.35 3.34 -10.17
N GLU B 43 -18.49 2.82 -11.07
CA GLU B 43 -18.67 3.19 -12.50
C GLU B 43 -19.88 2.60 -13.18
N LYS B 44 -20.51 1.59 -12.60
CA LYS B 44 -21.78 1.09 -13.15
C LYS B 44 -23.02 1.75 -12.63
N GLY B 45 -22.84 2.68 -11.69
CA GLY B 45 -23.92 3.42 -11.09
C GLY B 45 -24.35 2.94 -9.71
N PHE B 46 -23.54 2.07 -9.13
CA PHE B 46 -23.79 1.50 -7.79
C PHE B 46 -22.46 0.96 -7.29
N GLY B 47 -22.38 0.72 -5.98
CA GLY B 47 -21.17 0.19 -5.42
C GLY B 47 -21.08 0.38 -3.96
N TYR B 48 -19.85 0.19 -3.45
CA TYR B 48 -19.65 0.07 -2.02
C TYR B 48 -19.71 1.36 -1.26
N LYS B 49 -19.53 2.53 -1.90
CA LYS B 49 -19.43 3.76 -1.13
C LYS B 49 -20.70 3.99 -0.28
N GLY B 50 -20.49 4.21 1.06
CA GLY B 50 -21.53 4.44 2.02
C GLY B 50 -22.15 3.25 2.67
N SER B 51 -21.70 2.06 2.23
CA SER B 51 -22.14 0.77 2.81
C SER B 51 -21.26 0.37 3.98
N THR B 52 -21.61 -0.71 4.72
CA THR B 52 -21.05 -1.03 5.99
C THR B 52 -20.28 -2.35 6.03
N PHE B 53 -19.46 -2.51 7.04
CA PHE B 53 -19.00 -3.84 7.47
C PHE B 53 -20.07 -4.34 8.42
N HIS B 54 -20.93 -5.22 7.97
CA HIS B 54 -22.10 -5.63 8.74
C HIS B 54 -21.84 -6.82 9.64
N ARG B 55 -20.79 -7.57 9.41
CA ARG B 55 -20.51 -8.82 10.18
C ARG B 55 -19.02 -8.92 10.40
N VAL B 56 -18.61 -8.77 11.66
CA VAL B 56 -17.19 -8.66 12.00
C VAL B 56 -16.95 -9.58 13.19
N ILE B 57 -16.09 -10.54 13.00
CA ILE B 57 -15.81 -11.60 13.99
C ILE B 57 -14.31 -11.59 14.33
N PRO B 58 -13.95 -11.15 15.54
CA PRO B 58 -12.54 -11.11 15.89
C PRO B 58 -11.88 -12.46 15.78
N SER B 59 -10.66 -12.43 15.29
CA SER B 59 -9.81 -13.57 15.08
C SER B 59 -10.35 -14.46 13.93
N PHE B 60 -11.24 -13.90 13.11
CA PHE B 60 -11.74 -14.61 11.95
C PHE B 60 -11.69 -13.71 10.70
N MET B 61 -12.63 -12.80 10.56
CA MET B 61 -12.70 -11.98 9.37
C MET B 61 -13.64 -10.82 9.59
N CYS B 62 -13.54 -9.84 8.67
CA CYS B 62 -14.45 -8.70 8.57
C CYS B 62 -15.16 -8.78 7.25
N GLN B 63 -16.52 -8.78 7.30
CA GLN B 63 -17.36 -8.97 6.12
C GLN B 63 -18.13 -7.67 5.82
N ALA B 64 -18.23 -7.38 4.52
CA ALA B 64 -18.86 -6.13 4.06
C ALA B 64 -19.42 -6.40 2.67
N GLY B 65 -19.96 -5.32 2.11
CA GLY B 65 -20.33 -5.30 0.70
C GLY B 65 -21.80 -5.43 0.35
N ASP B 66 -22.67 -5.48 1.37
CA ASP B 66 -24.11 -5.55 1.05
C ASP B 66 -24.68 -4.14 0.91
N PHE B 67 -24.47 -3.57 -0.29
CA PHE B 67 -24.90 -2.22 -0.51
C PHE B 67 -26.33 -2.14 -0.95
N THR B 68 -27.02 -3.23 -1.21
CA THR B 68 -28.42 -3.21 -1.61
C THR B 68 -29.35 -3.39 -0.42
N ASN B 69 -29.01 -4.31 0.49
CA ASN B 69 -29.91 -4.65 1.59
C ASN B 69 -29.37 -4.31 2.93
N HIS B 70 -28.05 -4.06 3.01
CA HIS B 70 -27.39 -3.57 4.23
C HIS B 70 -27.58 -4.51 5.41
N ASN B 71 -27.72 -5.81 5.16
CA ASN B 71 -27.99 -6.74 6.25
C ASN B 71 -27.42 -8.14 6.05
N GLY B 72 -26.64 -8.39 5.04
CA GLY B 72 -26.16 -9.73 4.70
C GLY B 72 -26.94 -10.54 3.79
N THR B 73 -28.17 -10.11 3.49
CA THR B 73 -28.98 -10.85 2.53
C THR B 73 -28.79 -10.46 1.09
N GLY B 74 -28.15 -9.30 0.84
CA GLY B 74 -28.10 -8.74 -0.48
C GLY B 74 -26.78 -8.74 -1.14
N GLY B 75 -26.61 -7.65 -1.89
CA GLY B 75 -25.53 -7.37 -2.77
C GLY B 75 -25.82 -7.89 -4.24
N LYS B 76 -25.09 -7.32 -5.12
CA LYS B 76 -25.24 -7.50 -6.51
C LYS B 76 -23.91 -7.23 -7.13
N SER B 77 -23.63 -8.01 -8.16
CA SER B 77 -22.40 -7.81 -8.91
C SER B 77 -22.64 -6.94 -10.13
N ILE B 78 -21.55 -6.60 -10.83
CA ILE B 78 -21.68 -5.91 -12.09
C ILE B 78 -22.22 -6.82 -13.21
N TYR B 79 -22.27 -8.11 -12.95
CA TYR B 79 -22.73 -9.12 -13.89
C TYR B 79 -24.13 -9.59 -13.59
N GLY B 80 -24.81 -9.00 -12.64
CA GLY B 80 -26.16 -9.38 -12.20
C GLY B 80 -26.14 -9.82 -10.75
N SER B 81 -27.21 -10.43 -10.33
CA SER B 81 -27.36 -10.78 -8.93
C SER B 81 -26.30 -11.74 -8.44
N ARG B 82 -25.92 -12.68 -9.30
CA ARG B 82 -24.95 -13.73 -9.01
C ARG B 82 -24.05 -13.91 -10.22
N PHE B 83 -22.79 -14.34 -9.95
CA PHE B 83 -21.92 -14.78 -11.03
C PHE B 83 -21.10 -16.02 -10.57
N PRO B 84 -20.58 -16.76 -11.53
CA PRO B 84 -19.93 -18.02 -11.18
C PRO B 84 -18.66 -17.86 -10.41
N ASP B 85 -18.33 -18.92 -9.70
CA ASP B 85 -16.99 -19.05 -9.10
C ASP B 85 -15.95 -19.16 -10.23
N GLU B 86 -15.02 -18.19 -10.33
CA GLU B 86 -14.12 -18.14 -11.46
C GLU B 86 -13.08 -19.22 -11.40
N ASN B 87 -12.41 -19.35 -10.27
CA ASN B 87 -11.54 -20.49 -10.01
C ASN B 87 -11.25 -20.44 -8.49
N PHE B 88 -10.56 -21.48 -7.99
CA PHE B 88 -10.13 -21.52 -6.60
C PHE B 88 -8.64 -21.63 -6.51
N THR B 89 -7.94 -20.96 -7.43
CA THR B 89 -6.50 -21.07 -7.50
C THR B 89 -5.80 -20.48 -6.25
N LEU B 90 -6.23 -19.28 -5.87
CA LEU B 90 -5.65 -18.66 -4.70
C LEU B 90 -6.31 -19.21 -3.42
N LYS B 91 -5.48 -19.36 -2.40
CA LYS B 91 -5.92 -19.96 -1.14
C LYS B 91 -5.97 -18.95 -0.02
N HIS B 92 -6.68 -19.31 1.05
CA HIS B 92 -6.80 -18.49 2.23
C HIS B 92 -5.61 -18.75 3.11
N VAL B 93 -4.52 -18.05 2.79
CA VAL B 93 -3.22 -18.39 3.36
C VAL B 93 -2.92 -17.74 4.70
N GLY B 94 -3.67 -16.69 5.05
CA GLY B 94 -3.34 -15.94 6.24
C GLY B 94 -4.12 -14.67 6.38
N PRO B 95 -3.80 -13.91 7.43
CA PRO B 95 -4.41 -12.59 7.55
C PRO B 95 -4.19 -11.70 6.36
N GLY B 96 -5.20 -10.92 6.01
CA GLY B 96 -5.08 -9.98 4.87
C GLY B 96 -5.64 -10.52 3.57
N VAL B 97 -5.99 -11.80 3.48
CA VAL B 97 -6.63 -12.32 2.31
C VAL B 97 -8.01 -11.68 2.10
N LEU B 98 -8.26 -11.34 0.84
CA LEU B 98 -9.55 -10.75 0.38
C LEU B 98 -10.28 -11.80 -0.44
N SER B 99 -11.49 -12.14 -0.08
CA SER B 99 -12.21 -13.26 -0.65
C SER B 99 -13.68 -12.95 -0.72
N MET B 100 -14.38 -13.68 -1.61
CA MET B 100 -15.82 -13.48 -1.81
C MET B 100 -16.66 -14.26 -0.81
N ALA B 101 -17.60 -13.55 -0.18
CA ALA B 101 -18.67 -14.22 0.52
C ALA B 101 -19.63 -14.82 -0.47
N ASN B 102 -20.43 -15.83 -0.10
CA ASN B 102 -21.38 -16.39 -1.02
C ASN B 102 -22.52 -17.07 -0.27
N ALA B 103 -23.42 -17.69 -1.01
CA ALA B 103 -24.50 -18.54 -0.44
C ALA B 103 -24.44 -19.94 -0.99
N GLY B 104 -23.24 -20.42 -1.34
CA GLY B 104 -23.05 -21.66 -2.04
C GLY B 104 -22.44 -21.48 -3.41
N PRO B 105 -22.36 -22.53 -4.18
CA PRO B 105 -21.67 -22.40 -5.47
C PRO B 105 -22.30 -21.39 -6.43
N ASN B 106 -21.43 -20.66 -7.09
CA ASN B 106 -21.87 -19.75 -8.15
C ASN B 106 -22.89 -18.73 -7.72
N THR B 107 -22.61 -18.13 -6.54
CA THR B 107 -23.48 -17.12 -5.98
C THR B 107 -22.70 -15.89 -5.58
N ASN B 108 -21.61 -15.58 -6.23
CA ASN B 108 -20.85 -14.37 -5.95
C ASN B 108 -21.70 -13.18 -6.32
N GLY B 109 -21.69 -12.15 -5.47
CA GLY B 109 -22.42 -10.93 -5.73
C GLY B 109 -21.49 -9.75 -5.49
N SER B 110 -21.69 -9.12 -4.34
CA SER B 110 -20.82 -8.02 -3.94
C SER B 110 -20.19 -8.21 -2.56
N GLN B 111 -20.74 -9.09 -1.73
CA GLN B 111 -20.20 -9.24 -0.38
C GLN B 111 -18.83 -9.96 -0.43
N PHE B 112 -17.98 -9.48 0.48
CA PHE B 112 -16.61 -9.90 0.55
C PHE B 112 -16.15 -9.92 1.99
N PHE B 113 -14.98 -10.49 2.23
CA PHE B 113 -14.40 -10.48 3.54
C PHE B 113 -12.92 -10.33 3.45
N ILE B 114 -12.38 -9.74 4.58
CA ILE B 114 -10.93 -9.60 4.75
C ILE B 114 -10.59 -10.45 5.95
N CYS B 115 -9.71 -11.42 5.78
CA CYS B 115 -9.32 -12.36 6.82
C CYS B 115 -8.41 -11.72 7.85
N THR B 116 -8.59 -12.13 9.12
CA THR B 116 -7.64 -11.77 10.16
C THR B 116 -6.86 -12.96 10.70
N ILE B 117 -7.11 -14.11 10.16
CA ILE B 117 -6.42 -15.37 10.45
CA ILE B 117 -6.39 -15.32 10.43
C ILE B 117 -6.37 -16.14 9.12
N LYS B 118 -5.59 -17.20 9.08
CA LYS B 118 -5.65 -18.20 8.00
C LYS B 118 -6.96 -18.92 8.05
N THR B 119 -7.77 -18.83 7.00
CA THR B 119 -9.10 -19.46 6.97
C THR B 119 -9.13 -20.55 5.90
N ASP B 120 -8.24 -21.51 6.01
CA ASP B 120 -8.05 -22.49 4.95
C ASP B 120 -9.24 -23.48 4.79
N TRP B 121 -10.11 -23.48 5.79
CA TRP B 121 -11.36 -24.25 5.65
C TRP B 121 -12.30 -23.64 4.60
N LEU B 122 -11.96 -22.45 4.10
CA LEU B 122 -12.77 -21.83 3.03
C LEU B 122 -12.20 -22.11 1.64
N ASP B 123 -11.01 -22.72 1.57
CA ASP B 123 -10.39 -23.01 0.29
C ASP B 123 -11.33 -23.88 -0.52
N GLY B 124 -11.40 -23.56 -1.83
CA GLY B 124 -12.21 -24.37 -2.71
C GLY B 124 -13.66 -24.03 -2.73
N LYS B 125 -14.11 -23.16 -1.82
CA LYS B 125 -15.51 -22.74 -1.71
CA LYS B 125 -15.50 -22.73 -1.73
CA LYS B 125 -15.52 -22.75 -1.67
C LYS B 125 -15.76 -21.23 -1.85
N HIS B 126 -14.75 -20.45 -1.47
CA HIS B 126 -14.78 -18.99 -1.60
C HIS B 126 -13.63 -18.61 -2.52
N VAL B 127 -13.95 -17.76 -3.51
CA VAL B 127 -12.95 -17.27 -4.47
C VAL B 127 -12.13 -16.17 -3.81
N VAL B 128 -10.82 -16.47 -3.59
CA VAL B 128 -9.86 -15.50 -3.17
C VAL B 128 -9.45 -14.67 -4.38
N PHE B 129 -9.41 -13.33 -4.19
CA PHE B 129 -9.17 -12.43 -5.31
C PHE B 129 -8.22 -11.28 -5.00
N GLY B 130 -7.67 -11.23 -3.79
CA GLY B 130 -6.73 -10.16 -3.52
C GLY B 130 -6.18 -10.25 -2.13
N HIS B 131 -5.47 -9.19 -1.73
CA HIS B 131 -4.79 -9.17 -0.47
CA HIS B 131 -4.94 -9.13 -0.40
C HIS B 131 -4.64 -7.71 -0.01
N VAL B 132 -4.70 -7.48 1.29
CA VAL B 132 -4.31 -6.22 1.89
C VAL B 132 -2.84 -5.98 1.66
N ILE B 133 -2.48 -4.82 1.10
CA ILE B 133 -1.09 -4.37 0.93
CA ILE B 133 -1.05 -4.52 1.02
C ILE B 133 -0.67 -3.51 2.05
N GLU B 134 -1.55 -2.60 2.50
CA GLU B 134 -1.30 -1.77 3.64
C GLU B 134 -2.63 -1.55 4.29
N GLY B 135 -2.65 -1.46 5.63
CA GLY B 135 -3.79 -1.13 6.42
C GLY B 135 -4.34 -2.28 7.27
N MET B 136 -3.54 -3.31 7.55
CA MET B 136 -3.96 -4.32 8.52
C MET B 136 -4.21 -3.67 9.85
N ASP B 137 -3.49 -2.58 10.16
CA ASP B 137 -3.84 -1.95 11.44
CA ASP B 137 -3.78 -1.89 11.40
C ASP B 137 -5.24 -1.33 11.43
N VAL B 138 -5.70 -0.89 10.26
CA VAL B 138 -7.10 -0.42 10.11
C VAL B 138 -8.06 -1.59 10.22
N VAL B 139 -7.70 -2.70 9.59
CA VAL B 139 -8.52 -3.90 9.70
C VAL B 139 -8.67 -4.32 11.19
N LYS B 140 -7.58 -4.21 11.95
CA LYS B 140 -7.62 -4.58 13.41
C LYS B 140 -8.55 -3.64 14.13
N LYS B 141 -8.57 -2.35 13.80
CA LYS B 141 -9.59 -1.44 14.34
C LYS B 141 -10.98 -1.86 14.00
N ILE B 142 -11.21 -2.22 12.79
CA ILE B 142 -12.55 -2.73 12.42
C ILE B 142 -12.92 -3.93 13.27
N GLU B 143 -11.98 -4.86 13.38
CA GLU B 143 -12.17 -6.09 14.13
C GLU B 143 -12.57 -5.79 15.57
N SER B 144 -11.98 -4.74 16.12
CA SER B 144 -12.27 -4.40 17.52
C SER B 144 -13.74 -3.96 17.79
N PHE B 145 -14.44 -3.60 16.70
CA PHE B 145 -15.82 -3.22 16.73
C PHE B 145 -16.79 -4.37 16.43
N GLY B 146 -16.25 -5.58 16.34
CA GLY B 146 -17.02 -6.78 16.14
C GLY B 146 -17.24 -7.56 17.40
N SER B 147 -17.72 -8.77 17.21
CA SER B 147 -18.05 -9.65 18.35
C SER B 147 -18.05 -11.09 17.86
N LYS B 148 -18.04 -12.12 18.74
CA LYS B 148 -18.07 -13.50 18.28
C LYS B 148 -19.35 -13.72 17.46
N SER B 149 -20.46 -13.04 17.78
CA SER B 149 -21.68 -13.23 17.05
C SER B 149 -21.65 -12.60 15.69
N GLY B 150 -20.72 -11.69 15.41
CA GLY B 150 -20.63 -10.92 14.19
C GLY B 150 -21.23 -9.56 14.27
N ARG B 151 -22.17 -9.37 15.20
CA ARG B 151 -22.77 -8.08 15.31
C ARG B 151 -21.76 -7.05 15.73
N THR B 152 -21.86 -5.88 15.12
CA THR B 152 -20.95 -4.77 15.40
C THR B 152 -21.49 -3.80 16.47
N SER B 153 -20.55 -3.15 17.17
CA SER B 153 -20.91 -2.23 18.26
C SER B 153 -20.91 -0.74 17.84
N LYS B 154 -20.45 -0.50 16.61
CA LYS B 154 -20.55 0.79 15.95
C LYS B 154 -20.88 0.58 14.49
N LYS B 155 -21.38 1.65 13.86
CA LYS B 155 -21.65 1.66 12.43
C LYS B 155 -20.36 1.84 11.69
N ILE B 156 -19.88 0.78 11.01
CA ILE B 156 -18.58 0.81 10.36
CA ILE B 156 -18.57 0.81 10.36
C ILE B 156 -18.78 1.01 8.88
N VAL B 157 -18.52 2.22 8.41
CA VAL B 157 -18.95 2.65 7.07
C VAL B 157 -17.70 2.83 6.18
N ILE B 158 -17.86 2.37 4.95
CA ILE B 158 -16.94 2.66 3.87
C ILE B 158 -17.29 4.05 3.39
N THR B 159 -16.64 5.06 3.99
CA THR B 159 -17.01 6.41 3.67
C THR B 159 -16.57 6.83 2.27
N ASP B 160 -15.44 6.26 1.83
CA ASP B 160 -14.98 6.50 0.50
C ASP B 160 -14.27 5.26 0.02
N CYS B 161 -14.26 5.08 -1.31
CA CYS B 161 -13.56 3.96 -1.93
C CYS B 161 -13.29 4.28 -3.36
N GLY B 162 -12.36 3.57 -3.97
CA GLY B 162 -12.02 3.86 -5.32
C GLY B 162 -10.82 3.05 -5.75
N GLN B 163 -10.33 3.35 -6.96
CA GLN B 163 -9.17 2.72 -7.51
C GLN B 163 -7.97 3.61 -7.40
N LEU B 164 -6.77 3.03 -7.29
N LEU B 164 -6.83 2.95 -7.16
CA LEU B 164 -5.54 3.83 -7.42
CA LEU B 164 -5.52 3.59 -7.17
C LEU B 164 -4.80 3.55 -8.70
C LEU B 164 -4.56 2.94 -8.14
N SER B 165 -4.92 2.36 -9.21
N SER B 165 -4.65 3.10 -9.35
CA SER B 165 -4.39 2.17 -10.52
CA SER B 165 -4.04 2.40 -10.50
C SER B 165 -4.21 0.74 -10.61
C SER B 165 -3.97 0.95 -10.29
N VAL C 9 4.31 21.04 -4.56
CA VAL C 9 3.72 19.91 -3.98
C VAL C 9 2.25 19.75 -4.36
N ALA C 11 -1.79 17.82 -5.08
CA ALA C 11 -2.80 16.99 -4.48
C ALA C 11 -2.75 15.54 -4.95
N VAL D 9 -26.73 -17.45 7.83
CA VAL D 9 -25.38 -17.69 8.43
C VAL D 9 -25.49 -19.07 9.10
N ALA D 11 -23.71 -22.56 11.34
CA ALA D 11 -22.84 -22.79 12.44
C ALA D 11 -21.39 -22.85 12.02
#